data_4KQ4
#
_entry.id   4KQ4
#
_cell.length_a   65.500
_cell.length_b   65.500
_cell.length_c   99.820
_cell.angle_alpha   90.00
_cell.angle_beta   90.00
_cell.angle_gamma   120.00
#
_symmetry.space_group_name_H-M   'P 31'
#
loop_
_entity.id
_entity.type
_entity.pdbx_description
1 polymer 'CNTO7357 light chain'
2 polymer 'CNTO7357 heavy chain'
3 non-polymer 'NICKEL (II) ION'
4 water water
#
loop_
_entity_poly.entity_id
_entity_poly.type
_entity_poly.pdbx_seq_one_letter_code
_entity_poly.pdbx_strand_id
1 'polypeptide(L)'
;DIVMTQSHKFMSTSVGDRVSITCKASQDVSTAVAWYQQKPGQSPKLLIYWASTRHTGVPDRFTGSGSGTDYTLTISSVQA
EDLALYYCQQHYSTPYTFGGGTKLEIKRTVAAPSVFIFPPSDEQLKSGTASVVCLLNNFYPREAKVQWKVDNALQSGNSQ
ESVTEQDSKDSTYSLSSTLTLSKADYEKHKVYACEVTHQGLSSPVTKSFNRGEC
;
L
2 'polypeptide(L)'
;QVQLQQSGAELVRPGVSVRISCKGSGYTFTDYAMHWVKQSHAKSLEWIGVISTYSGDARFNQKFTGKATMTVDKSSSTAY
MELARLTSEDSAIYYCAREVRRSMDYWGQGTSVTVSSASTKGPSVFPLAPSSKSTSGGTAALGCLVKDYFPEPVTVSWNS
GALTSGVHTFPAVLQSSGLYSLSSVVTVPSSSLGTQTYICNVNHKPSNTKVDKKVEPKSCHHHHHH
;
H
#
# COMPACT_ATOMS: atom_id res chain seq x y z
N ASP A 1 8.31 3.14 30.49
CA ASP A 1 8.29 3.37 29.02
C ASP A 1 8.02 4.81 28.69
N ILE A 2 8.75 5.33 27.72
CA ILE A 2 8.60 6.72 27.28
C ILE A 2 7.49 6.82 26.24
N VAL A 3 6.53 7.70 26.51
CA VAL A 3 5.45 7.99 25.57
C VAL A 3 5.88 9.10 24.59
N MET A 4 5.59 8.90 23.32
CA MET A 4 5.87 9.88 22.28
C MET A 4 4.56 10.23 21.62
N THR A 5 3.98 11.34 22.04
CA THR A 5 2.66 11.73 21.58
C THR A 5 2.78 12.68 20.38
N GLN A 6 2.26 12.23 19.23
CA GLN A 6 1.95 13.08 18.09
C GLN A 6 0.44 13.31 18.14
N SER A 7 0.06 14.54 18.48
CA SER A 7 -1.35 14.86 18.74
C SER A 7 -2.22 14.91 17.49
N HIS A 8 -1.55 15.10 16.35
CA HIS A 8 -2.22 15.19 15.06
C HIS A 8 -1.99 13.93 14.24
N LYS A 9 -3.06 13.15 14.11
CA LYS A 9 -3.08 12.02 13.22
C LYS A 9 -3.11 12.53 11.78
N PHE A 10 -3.55 13.78 11.60
CA PHE A 10 -3.78 14.37 10.27
C PHE A 10 -3.37 15.84 10.17
N MET A 11 -2.38 16.11 9.32
CA MET A 11 -2.05 17.48 8.95
C MET A 11 -2.46 17.66 7.50
N SER A 12 -3.01 18.83 7.18
CA SER A 12 -3.40 19.17 5.83
C SER A 12 -2.60 20.38 5.41
N THR A 13 -2.06 20.34 4.19
CA THR A 13 -1.19 21.41 3.71
C THR A 13 -1.21 21.50 2.19
N SER A 14 -0.67 22.59 1.66
CA SER A 14 -0.69 22.86 0.22
C SER A 14 0.73 22.84 -0.35
N VAL A 15 0.88 22.39 -1.58
CA VAL A 15 2.15 22.48 -2.26
C VAL A 15 2.69 23.91 -2.20
N GLY A 16 3.93 24.05 -1.72
CA GLY A 16 4.60 25.34 -1.58
C GLY A 16 4.51 25.95 -0.20
N ASP A 17 3.60 25.44 0.64
CA ASP A 17 3.41 25.95 2.00
C ASP A 17 4.38 25.29 3.02
N ARG A 18 4.37 25.80 4.25
CA ARG A 18 5.19 25.24 5.33
C ARG A 18 4.36 24.48 6.36
N VAL A 19 4.77 23.24 6.65
CA VAL A 19 4.16 22.44 7.73
C VAL A 19 5.09 22.07 8.85
N SER A 20 4.55 22.14 10.05
CA SER A 20 5.19 21.69 11.24
C SER A 20 4.36 20.59 11.87
N ILE A 21 4.98 19.41 12.00
CA ILE A 21 4.42 18.23 12.66
C ILE A 21 5.03 18.19 14.04
N THR A 22 4.22 18.22 15.09
CA THR A 22 4.77 18.19 16.46
C THR A 22 4.84 16.76 17.01
N CYS A 23 5.73 16.58 18.00
CA CYS A 23 5.92 15.32 18.70
C CYS A 23 6.34 15.63 20.13
N LYS A 24 5.56 15.19 21.10
CA LYS A 24 5.83 15.47 22.51
C LYS A 24 6.28 14.21 23.23
N ALA A 25 7.31 14.34 24.05
CA ALA A 25 7.77 13.22 24.87
C ALA A 25 7.31 13.37 26.33
N SER A 26 7.04 12.25 26.98
CA SER A 26 6.58 12.25 28.38
C SER A 26 7.67 12.73 29.37
N GLN A 27 8.92 12.66 28.94
CA GLN A 27 10.04 13.17 29.73
C GLN A 27 11.15 13.64 28.79
N ASP A 28 12.18 14.22 29.39
CA ASP A 28 13.36 14.72 28.68
C ASP A 28 14.11 13.57 28.01
N VAL A 29 14.03 13.51 26.69
CA VAL A 29 14.79 12.54 25.91
C VAL A 29 16.04 13.19 25.33
N SER A 30 16.37 14.38 25.85
CA SER A 30 17.57 15.17 25.54
C SER A 30 18.14 14.99 24.12
N THR A 31 17.38 15.45 23.12
CA THR A 31 17.84 15.59 21.72
C THR A 31 17.88 14.32 20.86
N ALA A 32 17.81 13.14 21.49
CA ALA A 32 17.94 11.83 20.78
C ALA A 32 16.69 11.37 20.01
N VAL A 33 16.13 12.29 19.21
CA VAL A 33 14.89 12.04 18.49
C VAL A 33 15.17 11.91 16.99
N ALA A 34 14.55 10.91 16.37
CA ALA A 34 14.60 10.73 14.92
C ALA A 34 13.22 10.95 14.31
N TRP A 35 13.20 11.43 13.06
CA TRP A 35 11.98 11.52 12.26
C TRP A 35 12.08 10.60 11.05
N TYR A 36 10.99 9.87 10.81
CA TYR A 36 10.90 8.92 9.69
C TYR A 36 9.73 9.27 8.79
N GLN A 37 9.94 9.08 7.50
CA GLN A 37 8.94 9.30 6.49
C GLN A 37 8.59 7.95 5.92
N GLN A 38 7.30 7.66 5.82
CA GLN A 38 6.84 6.43 5.20
C GLN A 38 5.80 6.79 4.17
N LYS A 39 6.16 6.65 2.91
CA LYS A 39 5.26 6.87 1.80
C LYS A 39 4.48 5.58 1.60
N PRO A 40 3.27 5.66 0.98
CA PRO A 40 2.43 4.49 0.68
C PRO A 40 3.22 3.24 0.27
N GLY A 41 2.98 2.14 0.98
CA GLY A 41 3.60 0.85 0.68
C GLY A 41 5.13 0.87 0.57
N GLN A 42 5.78 1.74 1.33
CA GLN A 42 7.22 1.75 1.45
C GLN A 42 7.58 1.57 2.92
N SER A 43 8.86 1.34 3.19
CA SER A 43 9.40 1.25 4.54
C SER A 43 9.77 2.64 4.99
N PRO A 44 9.90 2.84 6.31
CA PRO A 44 10.28 4.19 6.68
C PRO A 44 11.65 4.53 6.11
N LYS A 45 11.85 5.82 5.82
CA LYS A 45 13.17 6.36 5.52
C LYS A 45 13.52 7.37 6.60
N LEU A 46 14.75 7.31 7.11
CA LEU A 46 15.19 8.27 8.12
C LEU A 46 15.36 9.64 7.47
N LEU A 47 14.74 10.66 8.09
CA LEU A 47 14.82 12.02 7.58
C LEU A 47 15.78 12.85 8.40
N ILE A 48 15.70 12.67 9.72
CA ILE A 48 16.46 13.45 10.70
C ILE A 48 16.87 12.60 11.91
N TYR A 49 18.14 12.68 12.29
CA TYR A 49 18.61 12.08 13.55
C TYR A 49 19.10 13.14 14.54
N TRP A 50 19.03 12.83 15.83
CA TRP A 50 19.36 13.78 16.91
C TRP A 50 18.63 15.15 16.82
N ALA A 51 17.31 15.10 16.64
CA ALA A 51 16.42 16.28 16.56
C ALA A 51 16.60 17.18 15.33
N SER A 52 17.83 17.59 15.02
CA SER A 52 18.03 18.57 13.96
C SER A 52 18.95 18.17 12.79
N THR A 53 19.49 16.95 12.80
CA THR A 53 20.47 16.55 11.77
C THR A 53 19.90 15.71 10.65
N ARG A 54 20.14 16.17 9.43
CA ARG A 54 19.56 15.57 8.24
C ARG A 54 20.46 14.51 7.59
N HIS A 55 19.87 13.32 7.44
CA HIS A 55 20.49 12.16 6.83
C HIS A 55 20.75 12.37 5.32
N THR A 56 21.40 11.40 4.67
CA THR A 56 21.76 11.55 3.25
C THR A 56 20.67 11.22 2.23
N GLY A 57 20.77 11.90 1.09
CA GLY A 57 19.76 11.85 0.03
C GLY A 57 18.49 12.56 0.48
N VAL A 58 18.61 13.39 1.51
CA VAL A 58 17.47 14.09 2.08
C VAL A 58 17.53 15.57 1.69
N PRO A 59 16.45 16.08 1.02
CA PRO A 59 16.37 17.48 0.58
C PRO A 59 16.40 18.51 1.72
N ASP A 60 16.94 19.68 1.44
CA ASP A 60 17.10 20.76 2.42
C ASP A 60 15.79 21.39 2.94
N ARG A 61 14.66 21.02 2.36
CA ARG A 61 13.37 21.58 2.77
C ARG A 61 12.85 20.94 4.09
N PHE A 62 13.44 19.81 4.50
CA PHE A 62 13.11 19.16 5.76
C PHE A 62 14.07 19.60 6.86
N THR A 63 13.53 20.20 7.91
CA THR A 63 14.35 20.57 9.07
C THR A 63 13.77 20.03 10.38
N GLY A 64 14.63 19.87 11.37
CA GLY A 64 14.20 19.40 12.68
C GLY A 64 14.56 20.39 13.76
N SER A 65 13.62 20.57 14.69
CA SER A 65 13.75 21.51 15.81
C SER A 65 13.36 20.82 17.12
N GLY A 66 13.90 21.28 18.25
CA GLY A 66 13.39 20.85 19.54
C GLY A 66 14.37 20.50 20.66
N SER A 67 13.96 20.82 21.88
CA SER A 67 14.78 20.64 23.09
C SER A 67 13.93 20.03 24.21
N GLY A 68 14.58 19.20 25.02
CA GLY A 68 13.91 18.56 26.15
C GLY A 68 12.73 17.70 25.75
N THR A 69 11.53 18.28 25.80
CA THR A 69 10.28 17.54 25.69
C THR A 69 9.59 17.63 24.30
N ASP A 70 9.53 18.85 23.75
CA ASP A 70 8.77 19.17 22.54
C ASP A 70 9.62 19.16 21.25
N TYR A 71 9.21 18.35 20.27
CA TYR A 71 9.97 18.24 19.01
C TYR A 71 9.10 18.59 17.80
N THR A 72 9.76 19.04 16.74
CA THR A 72 9.07 19.58 15.58
C THR A 72 9.86 19.23 14.31
N LEU A 73 9.17 18.60 13.37
CA LEU A 73 9.65 18.39 12.01
C LEU A 73 8.95 19.45 11.18
N THR A 74 9.73 20.24 10.45
CA THR A 74 9.22 21.32 9.64
C THR A 74 9.57 20.99 8.20
N ILE A 75 8.57 21.05 7.31
CA ILE A 75 8.81 20.97 5.87
C ILE A 75 8.56 22.35 5.24
N SER A 76 9.62 23.10 5.00
CA SER A 76 9.54 24.34 4.21
C SER A 76 9.19 23.95 2.79
N SER A 77 8.34 24.73 2.13
CA SER A 77 8.09 24.47 0.73
C SER A 77 7.65 23.00 0.46
N VAL A 78 6.52 22.58 1.04
CA VAL A 78 5.96 21.22 0.84
C VAL A 78 5.84 20.87 -0.66
N GLN A 79 6.25 19.67 -1.01
CA GLN A 79 6.12 19.20 -2.39
C GLN A 79 5.13 18.02 -2.52
N ALA A 80 4.55 17.85 -3.71
CA ALA A 80 3.63 16.74 -3.97
C ALA A 80 4.11 15.36 -3.48
N GLU A 81 5.40 15.04 -3.69
CA GLU A 81 5.94 13.72 -3.23
C GLU A 81 6.14 13.60 -1.73
N ASP A 82 6.03 14.72 -1.01
CA ASP A 82 6.07 14.72 0.46
C ASP A 82 4.88 14.05 1.17
N LEU A 83 3.95 13.53 0.37
CA LEU A 83 2.85 12.77 0.92
C LEU A 83 3.37 11.49 1.51
N ALA A 84 2.99 11.25 2.76
CA ALA A 84 3.58 10.23 3.58
C ALA A 84 3.04 10.34 5.01
N LEU A 85 3.32 9.29 5.79
CA LEU A 85 3.20 9.33 7.25
C LEU A 85 4.53 9.77 7.85
N TYR A 86 4.45 10.53 8.95
CA TYR A 86 5.64 10.97 9.66
C TYR A 86 5.60 10.49 11.08
N TYR A 87 6.69 9.83 11.46
CA TYR A 87 6.83 9.29 12.80
C TYR A 87 8.06 9.86 13.47
N CYS A 88 7.88 10.31 14.71
CA CYS A 88 9.00 10.61 15.56
C CYS A 88 9.33 9.33 16.35
N GLN A 89 10.42 9.37 17.10
CA GLN A 89 10.90 8.21 17.86
C GLN A 89 11.99 8.66 18.81
N GLN A 90 11.93 8.18 20.05
CA GLN A 90 12.98 8.48 21.00
C GLN A 90 14.01 7.35 21.01
N HIS A 91 15.29 7.75 20.95
CA HIS A 91 16.42 6.83 20.98
C HIS A 91 17.20 7.16 22.25
N TYR A 92 16.48 7.59 23.29
CA TYR A 92 17.10 8.02 24.54
C TYR A 92 17.40 6.83 25.42
N SER A 93 16.38 6.01 25.68
CA SER A 93 16.50 4.79 26.50
C SER A 93 15.54 3.69 26.04
N THR A 94 15.97 2.44 26.14
CA THR A 94 15.10 1.29 25.87
C THR A 94 13.95 1.17 26.89
N PRO A 95 12.76 0.71 26.45
CA PRO A 95 12.44 0.37 25.06
C PRO A 95 12.27 1.63 24.20
N TYR A 96 12.84 1.61 22.99
CA TYR A 96 12.64 2.72 22.06
C TYR A 96 11.17 2.78 21.68
N THR A 97 10.64 3.98 21.65
CA THR A 97 9.25 4.16 21.33
C THR A 97 9.09 5.21 20.25
N PHE A 98 8.03 5.02 19.47
CA PHE A 98 7.66 5.88 18.36
C PHE A 98 6.40 6.65 18.74
N GLY A 99 6.21 7.81 18.12
CA GLY A 99 4.92 8.47 18.13
C GLY A 99 3.92 7.67 17.32
N GLY A 100 2.63 7.95 17.55
CA GLY A 100 1.50 7.35 16.82
C GLY A 100 1.33 7.70 15.35
N GLY A 101 2.24 8.49 14.80
CA GLY A 101 2.20 8.86 13.38
C GLY A 101 1.29 10.02 13.03
N THR A 102 1.66 10.71 11.95
CA THR A 102 0.97 11.91 11.47
C THR A 102 0.91 11.78 9.97
N LYS A 103 -0.30 11.78 9.40
CA LYS A 103 -0.45 11.61 7.97
C LYS A 103 -0.52 12.97 7.33
N LEU A 104 0.40 13.24 6.40
CA LEU A 104 0.39 14.52 5.73
C LEU A 104 -0.51 14.40 4.51
N GLU A 105 -1.58 15.19 4.54
CA GLU A 105 -2.52 15.28 3.46
C GLU A 105 -2.24 16.57 2.71
N ILE A 106 -2.11 16.47 1.39
CA ILE A 106 -1.83 17.61 0.53
C ILE A 106 -3.08 18.15 -0.19
N LYS A 107 -3.40 19.43 0.04
CA LYS A 107 -4.52 20.11 -0.62
C LYS A 107 -4.22 20.38 -2.10
N ARG A 108 -5.19 20.19 -2.97
CA ARG A 108 -5.04 20.54 -4.39
C ARG A 108 -6.39 21.00 -4.96
N THR A 109 -6.37 21.62 -6.13
CA THR A 109 -7.61 22.08 -6.77
C THR A 109 -8.56 20.91 -7.05
N VAL A 110 -9.86 21.10 -6.81
CA VAL A 110 -10.87 20.11 -7.23
C VAL A 110 -10.54 19.46 -8.57
N ALA A 111 -10.84 18.17 -8.65
CA ALA A 111 -10.77 17.44 -9.90
C ALA A 111 -11.81 16.33 -9.92
N ALA A 112 -12.51 16.22 -11.04
CA ALA A 112 -13.61 15.31 -11.20
C ALA A 112 -13.03 14.00 -11.67
N PRO A 113 -13.66 12.89 -11.28
CA PRO A 113 -13.18 11.60 -11.75
C PRO A 113 -13.44 11.44 -13.24
N SER A 114 -12.52 10.79 -13.95
CA SER A 114 -12.90 10.13 -15.21
C SER A 114 -13.48 8.74 -14.85
N VAL A 115 -14.71 8.47 -15.28
CA VAL A 115 -15.40 7.26 -14.91
C VAL A 115 -15.42 6.24 -16.06
N PHE A 116 -14.97 5.02 -15.77
CA PHE A 116 -14.98 3.92 -16.72
C PHE A 116 -15.72 2.73 -16.09
N ILE A 117 -16.50 2.02 -16.89
CA ILE A 117 -17.16 0.82 -16.39
C ILE A 117 -16.66 -0.39 -17.16
N PHE A 118 -16.36 -1.49 -16.47
CA PHE A 118 -15.86 -2.70 -17.14
C PHE A 118 -16.78 -3.89 -16.91
N PRO A 119 -17.35 -4.43 -17.99
CA PRO A 119 -18.13 -5.67 -17.90
C PRO A 119 -17.26 -6.84 -17.39
N PRO A 120 -17.90 -7.96 -17.00
CA PRO A 120 -17.14 -9.16 -16.69
C PRO A 120 -16.49 -9.71 -17.95
N SER A 121 -15.27 -10.21 -17.82
CA SER A 121 -14.61 -10.88 -18.95
C SER A 121 -15.40 -12.13 -19.29
N ASP A 122 -15.50 -12.46 -20.58
CA ASP A 122 -16.24 -13.66 -21.03
C ASP A 122 -15.78 -14.95 -20.34
N GLU A 123 -14.56 -14.93 -19.80
CA GLU A 123 -13.94 -16.10 -19.19
C GLU A 123 -14.18 -16.23 -17.70
N GLN A 124 -14.43 -15.13 -17.00
CA GLN A 124 -14.94 -15.22 -15.63
C GLN A 124 -16.39 -15.66 -15.66
N LEU A 125 -17.16 -15.05 -16.56
CA LEU A 125 -18.52 -15.50 -16.86
C LEU A 125 -18.63 -17.04 -17.02
N LYS A 126 -17.61 -17.66 -17.62
CA LYS A 126 -17.56 -19.11 -17.73
C LYS A 126 -17.42 -19.80 -16.37
N SER A 127 -16.66 -19.19 -15.46
CA SER A 127 -16.37 -19.83 -14.17
C SER A 127 -17.48 -19.69 -13.12
N GLY A 128 -18.54 -18.96 -13.45
CA GLY A 128 -19.72 -18.87 -12.59
C GLY A 128 -20.06 -17.51 -12.00
N THR A 129 -19.17 -16.53 -12.19
CA THR A 129 -19.33 -15.24 -11.51
C THR A 129 -19.19 -14.03 -12.45
N ALA A 130 -19.93 -12.98 -12.15
CA ALA A 130 -19.83 -11.74 -12.89
C ALA A 130 -19.34 -10.65 -11.94
N SER A 131 -18.12 -10.20 -12.18
CA SER A 131 -17.56 -9.09 -11.45
C SER A 131 -17.56 -7.85 -12.34
N VAL A 132 -18.42 -6.90 -12.02
CA VAL A 132 -18.49 -5.65 -12.78
C VAL A 132 -17.67 -4.56 -12.07
N VAL A 133 -16.72 -3.99 -12.80
CA VAL A 133 -15.82 -3.01 -12.22
C VAL A 133 -16.09 -1.62 -12.77
N CYS A 134 -16.16 -0.67 -11.85
CA CYS A 134 -16.29 0.72 -12.19
C CYS A 134 -15.11 1.48 -11.61
N LEU A 135 -14.40 2.21 -12.49
CA LEU A 135 -13.20 2.93 -12.16
C LEU A 135 -13.43 4.45 -12.13
N LEU A 136 -13.02 5.06 -11.02
CA LEU A 136 -13.00 6.50 -10.83
C LEU A 136 -11.53 6.93 -10.78
N ASN A 137 -11.07 7.58 -11.84
CA ASN A 137 -9.68 7.84 -11.96
C ASN A 137 -9.36 9.31 -11.71
N ASN A 138 -8.36 9.55 -10.87
CA ASN A 138 -7.77 10.89 -10.68
C ASN A 138 -8.75 11.97 -10.23
N PHE A 139 -9.38 11.79 -9.08
CA PHE A 139 -10.26 12.84 -8.54
C PHE A 139 -9.74 13.48 -7.26
N TYR A 140 -10.21 14.70 -7.00
CA TYR A 140 -9.99 15.35 -5.71
C TYR A 140 -11.22 16.22 -5.35
N PRO A 141 -11.64 16.23 -4.07
CA PRO A 141 -11.16 15.57 -2.85
C PRO A 141 -11.67 14.14 -2.72
N ARG A 142 -11.47 13.53 -1.55
CA ARG A 142 -11.69 12.09 -1.37
C ARG A 142 -13.13 11.59 -1.45
N GLU A 143 -14.06 12.33 -0.86
CA GLU A 143 -15.43 11.92 -0.74
C GLU A 143 -16.03 11.62 -2.10
N ALA A 144 -16.66 10.45 -2.23
CA ALA A 144 -17.17 9.97 -3.50
C ALA A 144 -18.29 8.94 -3.30
N LYS A 145 -19.48 9.20 -3.83
CA LYS A 145 -20.56 8.22 -3.78
C LYS A 145 -20.68 7.53 -5.12
N VAL A 146 -20.59 6.21 -5.07
CA VAL A 146 -20.70 5.34 -6.24
C VAL A 146 -21.92 4.46 -5.98
N GLN A 147 -22.89 4.53 -6.88
CA GLN A 147 -24.12 3.77 -6.75
C GLN A 147 -24.35 2.91 -7.97
N TRP A 148 -24.66 1.64 -7.72
CA TRP A 148 -24.90 0.69 -8.78
C TRP A 148 -26.38 0.59 -9.00
N LYS A 149 -26.75 0.49 -10.28
CA LYS A 149 -28.12 0.31 -10.72
C LYS A 149 -28.11 -0.77 -11.81
N VAL A 150 -28.92 -1.79 -11.59
CA VAL A 150 -29.05 -2.91 -12.50
C VAL A 150 -30.50 -2.87 -12.98
N ASP A 151 -30.69 -2.65 -14.28
CA ASP A 151 -32.00 -2.30 -14.86
C ASP A 151 -32.69 -1.18 -14.08
N ASN A 152 -31.97 -0.07 -13.91
CA ASN A 152 -32.42 1.08 -13.13
C ASN A 152 -32.95 0.72 -11.74
N ALA A 153 -32.53 -0.43 -11.20
CA ALA A 153 -32.86 -0.80 -9.83
C ALA A 153 -31.62 -0.63 -8.97
N LEU A 154 -31.76 0.11 -7.89
CA LEU A 154 -30.62 0.50 -7.07
C LEU A 154 -30.04 -0.68 -6.29
N GLN A 155 -28.72 -0.80 -6.29
CA GLN A 155 -28.08 -1.92 -5.62
C GLN A 155 -27.54 -1.55 -4.24
N SER A 156 -27.47 -2.56 -3.38
CA SER A 156 -27.06 -2.42 -1.99
C SER A 156 -26.52 -3.74 -1.45
N GLY A 157 -25.40 -3.67 -0.72
CA GLY A 157 -24.89 -4.83 -0.02
C GLY A 157 -24.11 -5.79 -0.89
N ASN A 158 -23.95 -5.47 -2.17
CA ASN A 158 -23.28 -6.39 -3.10
C ASN A 158 -22.13 -5.80 -3.91
N SER A 159 -21.61 -4.66 -3.48
CA SER A 159 -20.43 -4.07 -4.10
C SER A 159 -19.37 -3.79 -3.05
N GLN A 160 -18.18 -3.42 -3.51
CA GLN A 160 -17.05 -3.15 -2.62
C GLN A 160 -16.09 -2.18 -3.28
N GLU A 161 -15.73 -1.16 -2.54
CA GLU A 161 -14.79 -0.23 -3.12
C GLU A 161 -13.49 -0.24 -2.36
N SER A 162 -12.43 0.21 -3.04
CA SER A 162 -11.20 0.57 -2.37
C SER A 162 -10.57 1.77 -3.07
N VAL A 163 -9.78 2.52 -2.32
CA VAL A 163 -9.27 3.81 -2.74
C VAL A 163 -7.77 3.82 -2.56
N THR A 164 -7.06 4.34 -3.56
CA THR A 164 -5.62 4.52 -3.44
C THR A 164 -5.31 5.71 -2.53
N GLU A 165 -4.05 5.85 -2.17
CA GLU A 165 -3.60 7.04 -1.43
C GLU A 165 -3.29 8.14 -2.44
N GLN A 166 -3.19 9.38 -1.98
CA GLN A 166 -2.96 10.49 -2.92
C GLN A 166 -1.76 10.14 -3.79
N ASP A 167 -1.87 10.38 -5.09
CA ASP A 167 -0.78 10.09 -6.02
C ASP A 167 0.33 11.06 -5.72
N SER A 168 1.57 10.60 -5.82
CA SER A 168 2.79 11.40 -5.57
C SER A 168 2.99 12.58 -6.49
N LYS A 169 2.39 12.55 -7.67
CA LYS A 169 2.62 13.64 -8.64
C LYS A 169 1.47 14.65 -8.61
N ASP A 170 0.24 14.18 -8.72
CA ASP A 170 -0.91 15.10 -8.86
C ASP A 170 -1.84 15.22 -7.65
N SER A 171 -1.51 14.52 -6.55
CA SER A 171 -2.28 14.55 -5.31
C SER A 171 -3.73 14.08 -5.44
N THR A 172 -4.05 13.35 -6.50
CA THR A 172 -5.40 12.82 -6.68
C THR A 172 -5.59 11.42 -6.06
N TYR A 173 -6.85 11.08 -5.80
CA TYR A 173 -7.23 9.75 -5.37
C TYR A 173 -7.77 8.98 -6.54
N SER A 174 -7.79 7.65 -6.44
CA SER A 174 -8.52 6.83 -7.40
C SER A 174 -9.28 5.76 -6.64
N LEU A 175 -10.38 5.28 -7.24
CA LEU A 175 -11.28 4.31 -6.62
C LEU A 175 -11.77 3.27 -7.62
N SER A 176 -11.96 2.04 -7.14
CA SER A 176 -12.66 1.01 -7.91
C SER A 176 -13.81 0.46 -7.08
N SER A 177 -15.01 0.41 -7.68
CA SER A 177 -16.12 -0.27 -7.07
C SER A 177 -16.40 -1.53 -7.92
N THR A 178 -16.60 -2.67 -7.24
CA THR A 178 -16.87 -3.94 -7.91
C THR A 178 -18.24 -4.45 -7.52
N LEU A 179 -19.05 -4.73 -8.53
CA LEU A 179 -20.37 -5.28 -8.28
C LEU A 179 -20.23 -6.78 -8.54
N THR A 180 -20.44 -7.58 -7.51
CA THR A 180 -20.34 -9.01 -7.63
C THR A 180 -21.70 -9.68 -7.66
N LEU A 181 -21.97 -10.40 -8.74
CA LEU A 181 -23.16 -11.24 -8.82
C LEU A 181 -22.94 -12.58 -9.48
N SER A 182 -23.77 -13.54 -9.13
CA SER A 182 -23.71 -14.84 -9.73
C SER A 182 -23.96 -14.68 -11.23
N LYS A 183 -23.35 -15.54 -12.05
CA LYS A 183 -23.57 -15.52 -13.51
C LYS A 183 -25.05 -15.61 -13.86
N ALA A 184 -25.80 -16.41 -13.11
CA ALA A 184 -27.23 -16.54 -13.35
C ALA A 184 -27.96 -15.21 -13.14
N ASP A 185 -27.58 -14.48 -12.09
CA ASP A 185 -28.25 -13.23 -11.78
C ASP A 185 -27.82 -12.16 -12.76
N TYR A 186 -26.57 -12.24 -13.22
CA TYR A 186 -26.03 -11.35 -14.25
C TYR A 186 -26.87 -11.35 -15.53
N GLU A 187 -27.23 -12.53 -16.02
CA GLU A 187 -27.89 -12.66 -17.33
C GLU A 187 -29.42 -12.56 -17.33
N LYS A 188 -29.98 -12.03 -16.24
CA LYS A 188 -31.42 -11.71 -16.18
C LYS A 188 -31.67 -10.22 -16.44
N HIS A 189 -30.59 -9.43 -16.50
CA HIS A 189 -30.68 -7.97 -16.60
C HIS A 189 -29.87 -7.39 -17.79
N LYS A 190 -30.35 -6.28 -18.35
CA LYS A 190 -29.71 -5.67 -19.52
C LYS A 190 -28.80 -4.51 -19.15
N VAL A 191 -29.35 -3.51 -18.47
CA VAL A 191 -28.61 -2.27 -18.19
C VAL A 191 -27.83 -2.32 -16.86
N TYR A 192 -26.51 -2.21 -16.96
CA TYR A 192 -25.63 -2.09 -15.79
C TYR A 192 -25.03 -0.70 -15.76
N ALA A 193 -25.27 -0.01 -14.65
CA ALA A 193 -24.96 1.41 -14.55
C ALA A 193 -24.18 1.76 -13.30
N CYS A 194 -23.14 2.56 -13.48
CA CYS A 194 -22.33 3.05 -12.39
C CYS A 194 -22.55 4.56 -12.30
N GLU A 195 -23.19 5.03 -11.23
CA GLU A 195 -23.47 6.45 -11.06
C GLU A 195 -22.57 7.04 -9.99
N VAL A 196 -21.84 8.10 -10.34
CA VAL A 196 -20.79 8.66 -9.53
C VAL A 196 -21.10 10.11 -9.05
N THR A 197 -21.13 10.29 -7.73
CA THR A 197 -21.32 11.59 -7.14
C THR A 197 -20.00 12.15 -6.58
N HIS A 198 -19.66 13.36 -7.01
CA HIS A 198 -18.42 14.00 -6.63
C HIS A 198 -18.52 15.51 -6.76
N GLN A 199 -17.88 16.20 -5.83
CA GLN A 199 -17.93 17.65 -5.79
C GLN A 199 -17.52 18.37 -7.09
N GLY A 200 -16.59 17.81 -7.85
CA GLY A 200 -16.14 18.38 -9.10
C GLY A 200 -17.03 18.08 -10.29
N LEU A 201 -18.16 17.43 -10.04
CA LEU A 201 -19.18 17.19 -11.06
C LEU A 201 -20.39 18.11 -10.86
N SER A 202 -20.88 18.69 -11.94
CA SER A 202 -22.09 19.52 -11.92
C SER A 202 -23.24 18.70 -11.37
N SER A 203 -23.40 17.51 -11.96
CA SER A 203 -24.43 16.55 -11.59
C SER A 203 -23.80 15.18 -11.68
N PRO A 204 -24.31 14.20 -10.90
CA PRO A 204 -23.83 12.81 -11.01
C PRO A 204 -23.57 12.38 -12.45
N VAL A 205 -22.50 11.62 -12.65
CA VAL A 205 -22.12 11.05 -13.94
C VAL A 205 -22.41 9.55 -13.91
N THR A 206 -23.17 9.07 -14.90
CA THR A 206 -23.50 7.64 -15.01
C THR A 206 -22.71 7.01 -16.16
N LYS A 207 -21.98 5.93 -15.87
CA LYS A 207 -21.37 5.14 -16.93
C LYS A 207 -22.10 3.82 -16.99
N SER A 208 -22.42 3.37 -18.20
CA SER A 208 -23.26 2.19 -18.34
C SER A 208 -23.03 1.42 -19.62
N PHE A 209 -23.45 0.16 -19.61
CA PHE A 209 -23.48 -0.68 -20.79
C PHE A 209 -24.74 -1.53 -20.80
N ASN A 210 -25.11 -1.99 -21.99
CA ASN A 210 -26.11 -3.01 -22.13
C ASN A 210 -25.40 -4.34 -22.32
N ARG A 211 -25.84 -5.35 -21.56
CA ARG A 211 -25.12 -6.60 -21.51
C ARG A 211 -24.97 -7.19 -22.91
N GLY A 212 -23.71 -7.44 -23.28
CA GLY A 212 -23.37 -8.13 -24.53
C GLY A 212 -23.23 -7.24 -25.75
N GLU A 213 -23.57 -5.96 -25.60
CA GLU A 213 -23.59 -5.04 -26.74
C GLU A 213 -22.56 -3.94 -26.56
N CYS A 214 -22.04 -3.43 -27.68
CA CYS A 214 -20.98 -2.41 -27.67
C CYS A 214 -21.44 -1.09 -27.07
N GLN B 1 24.44 0.33 -3.90
CA GLN B 1 24.66 0.96 -2.57
C GLN B 1 24.03 0.14 -1.43
N VAL B 2 23.63 0.83 -0.34
CA VAL B 2 23.10 0.18 0.88
C VAL B 2 21.73 -0.43 0.65
N GLN B 3 21.61 -1.73 0.90
CA GLN B 3 20.30 -2.37 0.95
C GLN B 3 20.19 -3.46 2.00
N LEU B 4 19.04 -3.50 2.68
CA LEU B 4 18.70 -4.61 3.57
C LEU B 4 17.59 -5.37 2.88
N GLN B 5 17.87 -6.65 2.58
CA GLN B 5 16.95 -7.49 1.85
C GLN B 5 16.32 -8.53 2.79
N GLN B 6 15.01 -8.45 2.98
CA GLN B 6 14.33 -9.34 3.93
C GLN B 6 13.75 -10.59 3.27
N SER B 7 13.49 -11.61 4.08
CA SER B 7 12.80 -12.81 3.59
C SER B 7 11.35 -12.47 3.28
N GLY B 8 10.78 -13.15 2.30
CA GLY B 8 9.46 -12.80 1.76
C GLY B 8 8.25 -13.08 2.65
N ALA B 9 7.08 -12.87 2.08
CA ALA B 9 5.82 -13.09 2.76
C ALA B 9 5.73 -14.51 3.33
N GLU B 10 5.45 -14.62 4.63
CA GLU B 10 5.26 -15.90 5.31
C GLU B 10 3.79 -16.12 5.64
N LEU B 11 3.26 -17.30 5.30
CA LEU B 11 1.97 -17.77 5.81
C LEU B 11 2.22 -18.90 6.80
N VAL B 12 1.93 -18.65 8.07
CA VAL B 12 2.18 -19.62 9.13
C VAL B 12 0.96 -19.91 10.00
N ARG B 13 1.07 -20.97 10.80
CA ARG B 13 -0.03 -21.46 11.61
C ARG B 13 0.12 -21.06 13.08
N PRO B 14 -1.00 -20.93 13.81
CA PRO B 14 -0.94 -20.61 15.25
C PRO B 14 -0.09 -21.61 16.03
N GLY B 15 0.68 -21.13 17.01
CA GLY B 15 1.40 -21.99 17.96
C GLY B 15 2.79 -22.42 17.52
N VAL B 16 3.05 -22.29 16.23
CA VAL B 16 4.34 -22.57 15.63
C VAL B 16 5.14 -21.27 15.64
N SER B 17 6.33 -21.27 15.05
CA SER B 17 7.21 -20.11 15.05
C SER B 17 7.71 -19.78 13.66
N VAL B 18 7.94 -18.48 13.40
CA VAL B 18 8.59 -18.01 12.15
C VAL B 18 9.98 -17.45 12.35
N ARG B 19 10.84 -17.76 11.38
CA ARG B 19 12.18 -17.20 11.30
C ARG B 19 12.25 -16.24 10.12
N ILE B 20 12.59 -14.99 10.41
CA ILE B 20 12.68 -13.94 9.38
C ILE B 20 14.14 -13.51 9.22
N SER B 21 14.60 -13.41 7.98
CA SER B 21 15.99 -13.00 7.74
C SER B 21 16.08 -11.56 7.25
N CYS B 22 17.25 -10.97 7.48
CA CYS B 22 17.57 -9.62 7.02
C CYS B 22 19.03 -9.54 6.59
N LYS B 23 19.28 -9.60 5.27
CA LYS B 23 20.62 -9.56 4.71
C LYS B 23 21.12 -8.13 4.46
N GLY B 24 22.15 -7.71 5.19
CA GLY B 24 22.79 -6.41 4.95
C GLY B 24 23.72 -6.44 3.75
N SER B 25 23.65 -5.41 2.90
CA SER B 25 24.53 -5.37 1.71
C SER B 25 24.96 -3.95 1.35
N GLY B 26 26.11 -3.83 0.68
CA GLY B 26 26.60 -2.51 0.23
C GLY B 26 27.48 -1.80 1.25
N TYR B 27 27.55 -2.38 2.44
CA TYR B 27 28.30 -1.83 3.58
C TYR B 27 28.97 -3.01 4.28
N THR B 28 29.71 -2.76 5.35
CA THR B 28 30.28 -3.85 6.15
C THR B 28 29.27 -4.19 7.25
N PHE B 29 28.69 -5.39 7.15
CA PHE B 29 27.59 -5.79 8.04
C PHE B 29 27.93 -5.62 9.52
N THR B 30 29.09 -6.14 9.94
CA THR B 30 29.48 -6.14 11.37
C THR B 30 29.64 -4.75 12.01
N ASP B 31 29.69 -3.71 11.17
CA ASP B 31 29.79 -2.33 11.60
C ASP B 31 28.59 -1.88 12.45
N TYR B 32 27.40 -2.40 12.13
CA TYR B 32 26.15 -1.79 12.60
C TYR B 32 25.16 -2.75 13.23
N ALA B 33 24.75 -2.44 14.46
CA ALA B 33 23.72 -3.22 15.16
C ALA B 33 22.41 -3.21 14.37
N MET B 34 21.67 -4.31 14.42
CA MET B 34 20.40 -4.43 13.69
C MET B 34 19.20 -4.43 14.65
N HIS B 35 18.19 -3.64 14.27
CA HIS B 35 16.93 -3.52 15.02
C HIS B 35 15.82 -4.33 14.34
N TRP B 36 14.78 -4.66 15.11
CA TRP B 36 13.54 -5.14 14.51
C TRP B 36 12.34 -4.40 15.04
N VAL B 37 11.46 -4.01 14.14
CA VAL B 37 10.30 -3.19 14.48
C VAL B 37 9.05 -3.84 13.89
N LYS B 38 7.95 -3.75 14.61
CA LYS B 38 6.68 -4.32 14.20
C LYS B 38 5.74 -3.24 13.71
N GLN B 39 5.23 -3.40 12.49
CA GLN B 39 4.17 -2.53 12.00
C GLN B 39 2.83 -3.26 11.85
N SER B 40 1.93 -3.03 12.79
CA SER B 40 0.63 -3.70 12.78
C SER B 40 -0.47 -2.72 12.43
N HIS B 41 -1.72 -3.21 12.44
CA HIS B 41 -2.93 -2.37 12.26
C HIS B 41 -2.82 -1.53 10.98
N ALA B 42 -2.25 -0.35 11.13
CA ALA B 42 -2.04 0.55 10.02
C ALA B 42 -0.76 1.33 10.25
N LYS B 43 -0.53 1.70 11.51
CA LYS B 43 0.41 2.78 11.80
C LYS B 43 1.33 2.45 12.98
N SER B 44 0.82 1.66 13.92
CA SER B 44 1.53 1.36 15.17
C SER B 44 2.89 0.70 14.91
N LEU B 45 3.95 1.51 15.00
CA LEU B 45 5.33 1.03 15.01
C LEU B 45 5.78 0.67 16.43
N GLU B 46 6.28 -0.55 16.61
CA GLU B 46 6.80 -1.01 17.91
C GLU B 46 8.23 -1.56 17.81
N TRP B 47 9.09 -1.11 18.71
CA TRP B 47 10.43 -1.64 18.80
C TRP B 47 10.41 -2.98 19.51
N ILE B 48 10.91 -4.02 18.83
CA ILE B 48 11.07 -5.35 19.43
C ILE B 48 12.38 -5.50 20.21
N GLY B 49 13.51 -5.24 19.55
CA GLY B 49 14.84 -5.35 20.14
C GLY B 49 16.00 -5.06 19.19
N VAL B 50 17.22 -5.00 19.75
CA VAL B 50 18.45 -4.88 18.95
C VAL B 50 19.36 -6.08 19.11
N ILE B 51 19.94 -6.53 18.01
CA ILE B 51 21.12 -7.39 18.10
C ILE B 51 22.34 -6.63 17.55
N SER B 52 23.37 -6.53 18.39
CA SER B 52 24.72 -6.11 17.98
C SER B 52 25.27 -7.17 17.02
N THR B 53 25.58 -6.77 15.79
CA THR B 53 26.07 -7.70 14.77
C THR B 53 27.52 -8.16 15.02
N TYR B 54 28.28 -7.32 15.74
CA TYR B 54 29.68 -7.59 16.10
C TYR B 54 29.82 -8.56 17.29
N SER B 55 28.95 -8.44 18.30
CA SER B 55 29.03 -9.33 19.48
C SER B 55 27.91 -10.41 19.60
N GLY B 56 26.75 -10.16 19.02
CA GLY B 56 25.63 -11.10 19.16
C GLY B 56 24.75 -10.83 20.38
N ASP B 57 25.16 -9.83 21.18
CA ASP B 57 24.37 -9.34 22.31
C ASP B 57 23.08 -8.65 21.84
N ALA B 58 21.96 -9.24 22.23
CA ALA B 58 20.62 -8.70 21.98
C ALA B 58 19.96 -8.26 23.28
N ARG B 59 19.10 -7.24 23.20
CA ARG B 59 18.29 -6.80 24.34
C ARG B 59 16.93 -6.34 23.85
N PHE B 60 15.89 -6.71 24.59
CA PHE B 60 14.52 -6.73 24.08
C PHE B 60 13.57 -5.71 24.68
N ASN B 61 12.50 -5.41 23.92
CA ASN B 61 11.34 -4.74 24.46
C ASN B 61 10.72 -5.74 25.40
N GLN B 62 10.47 -5.31 26.63
CA GLN B 62 9.91 -6.20 27.65
C GLN B 62 8.54 -6.77 27.23
N LYS B 63 7.86 -6.08 26.30
CA LYS B 63 6.61 -6.55 25.70
C LYS B 63 6.81 -7.77 24.77
N PHE B 64 8.06 -8.03 24.39
CA PHE B 64 8.37 -9.13 23.47
C PHE B 64 9.27 -10.23 24.08
N THR B 65 9.65 -10.09 25.35
CA THR B 65 10.52 -11.07 25.99
C THR B 65 9.81 -12.43 26.00
N GLY B 66 10.58 -13.47 25.69
CA GLY B 66 10.04 -14.82 25.49
C GLY B 66 9.66 -15.05 24.03
N LYS B 67 8.80 -14.16 23.54
CA LYS B 67 8.19 -14.28 22.21
C LYS B 67 9.18 -14.04 21.04
N ALA B 68 10.17 -13.16 21.26
CA ALA B 68 11.18 -12.81 20.25
C ALA B 68 12.59 -13.34 20.59
N THR B 69 13.28 -13.83 19.55
CA THR B 69 14.64 -14.36 19.69
C THR B 69 15.51 -13.93 18.50
N MET B 70 16.69 -13.36 18.78
CA MET B 70 17.53 -12.86 17.71
C MET B 70 18.90 -13.52 17.64
N THR B 71 19.29 -13.90 16.43
CA THR B 71 20.63 -14.40 16.13
C THR B 71 21.19 -13.64 14.92
N VAL B 72 22.52 -13.53 14.87
CA VAL B 72 23.21 -12.89 13.74
C VAL B 72 24.28 -13.84 13.19
N ASP B 73 24.39 -13.92 11.86
CA ASP B 73 25.35 -14.78 11.16
C ASP B 73 26.25 -13.95 10.21
N LYS B 74 27.44 -13.61 10.69
CA LYS B 74 28.36 -12.66 10.04
C LYS B 74 28.82 -13.03 8.62
N SER B 75 28.91 -14.33 8.33
CA SER B 75 29.37 -14.81 7.00
C SER B 75 28.40 -14.56 5.84
N SER B 76 27.11 -14.77 6.06
CA SER B 76 26.11 -14.40 5.06
C SER B 76 25.66 -12.94 5.19
N SER B 77 26.27 -12.22 6.13
CA SER B 77 25.90 -10.84 6.48
C SER B 77 24.39 -10.70 6.77
N THR B 78 23.83 -11.69 7.45
CA THR B 78 22.38 -11.80 7.65
C THR B 78 21.96 -11.87 9.12
N ALA B 79 20.94 -11.07 9.45
CA ALA B 79 20.39 -11.00 10.79
C ALA B 79 19.05 -11.74 10.85
N TYR B 80 18.80 -12.42 11.95
CA TYR B 80 17.61 -13.29 12.09
C TYR B 80 16.76 -12.90 13.30
N MET B 81 15.44 -12.93 13.13
CA MET B 81 14.53 -12.82 14.25
C MET B 81 13.50 -13.92 14.20
N GLU B 82 13.37 -14.59 15.33
CA GLU B 82 12.41 -15.68 15.47
C GLU B 82 11.29 -15.28 16.39
N LEU B 83 10.09 -15.37 15.85
CA LEU B 83 8.88 -15.14 16.62
C LEU B 83 8.22 -16.46 16.99
N ALA B 84 8.03 -16.69 18.29
CA ALA B 84 7.55 -17.99 18.77
C ALA B 84 6.07 -17.97 19.20
N ARG B 85 5.47 -19.17 19.26
CA ARG B 85 4.11 -19.38 19.77
C ARG B 85 3.17 -18.37 19.11
N LEU B 86 3.06 -18.41 17.79
CA LEU B 86 2.29 -17.38 17.07
C LEU B 86 0.79 -17.44 17.32
N THR B 87 0.19 -16.27 17.47
CA THR B 87 -1.26 -16.10 17.53
C THR B 87 -1.54 -15.05 16.47
N SER B 88 -2.82 -14.74 16.24
CA SER B 88 -3.21 -13.85 15.16
C SER B 88 -2.83 -12.37 15.40
N GLU B 89 -2.42 -12.05 16.62
CA GLU B 89 -1.94 -10.70 16.98
C GLU B 89 -0.44 -10.53 16.73
N ASP B 90 0.18 -11.55 16.15
CA ASP B 90 1.54 -11.44 15.62
C ASP B 90 1.51 -11.19 14.11
N SER B 91 0.31 -11.27 13.51
CA SER B 91 0.12 -10.95 12.09
C SER B 91 0.40 -9.49 11.89
N ALA B 92 1.45 -9.20 11.12
CA ALA B 92 1.92 -7.82 10.95
C ALA B 92 3.05 -7.73 9.94
N ILE B 93 3.59 -6.54 9.77
CA ILE B 93 4.75 -6.35 8.94
C ILE B 93 5.92 -6.07 9.87
N TYR B 94 7.01 -6.82 9.68
CA TYR B 94 8.18 -6.68 10.52
C TYR B 94 9.31 -6.11 9.69
N TYR B 95 9.96 -5.08 10.22
CA TYR B 95 11.09 -4.44 9.55
C TYR B 95 12.38 -4.74 10.29
N CYS B 96 13.47 -4.88 9.52
CA CYS B 96 14.79 -4.69 10.08
C CYS B 96 15.27 -3.28 9.68
N ALA B 97 15.90 -2.59 10.62
CA ALA B 97 16.56 -1.34 10.34
C ALA B 97 17.92 -1.39 11.00
N ARG B 98 18.98 -1.08 10.27
CA ARG B 98 20.28 -1.04 10.89
C ARG B 98 20.42 0.23 11.74
N GLU B 99 21.21 0.16 12.81
CA GLU B 99 21.47 1.33 13.63
C GLU B 99 22.80 1.89 13.15
N VAL B 100 22.86 3.20 12.93
CA VAL B 100 24.12 3.83 12.54
C VAL B 100 24.46 5.04 13.41
N ARG B 101 24.46 4.81 14.73
CA ARG B 101 24.74 5.82 15.78
C ARG B 101 23.43 6.42 16.27
N ARG B 102 22.78 5.66 17.16
CA ARG B 102 21.55 6.09 17.83
C ARG B 102 20.44 6.55 16.86
N SER B 103 20.39 5.93 15.67
CA SER B 103 19.41 6.24 14.63
C SER B 103 19.19 5.01 13.75
N MET B 104 17.97 4.75 13.31
CA MET B 104 17.73 3.57 12.48
C MET B 104 17.68 3.97 11.00
N ASP B 105 18.86 4.08 10.40
CA ASP B 105 19.07 4.88 9.20
C ASP B 105 18.71 4.24 7.86
N TYR B 106 18.75 2.92 7.78
CA TYR B 106 18.17 2.23 6.63
C TYR B 106 17.32 1.04 7.04
N TRP B 107 16.13 0.92 6.45
CA TRP B 107 15.20 -0.16 6.76
C TRP B 107 15.07 -1.12 5.59
N GLY B 108 14.67 -2.36 5.86
CA GLY B 108 14.36 -3.33 4.81
C GLY B 108 12.98 -3.11 4.18
N GLN B 109 12.66 -3.92 3.18
CA GLN B 109 11.36 -3.77 2.53
C GLN B 109 10.17 -4.31 3.39
N GLY B 110 10.49 -4.89 4.53
CA GLY B 110 9.47 -5.42 5.43
C GLY B 110 9.07 -6.83 5.06
N THR B 111 8.70 -7.61 6.07
CA THR B 111 8.28 -8.99 5.84
C THR B 111 6.86 -9.14 6.35
N SER B 112 5.95 -9.49 5.45
CA SER B 112 4.54 -9.69 5.76
C SER B 112 4.29 -11.06 6.41
N VAL B 113 3.99 -11.07 7.71
CA VAL B 113 3.67 -12.34 8.40
C VAL B 113 2.14 -12.48 8.57
N THR B 114 1.61 -13.60 8.08
CA THR B 114 0.19 -13.90 8.25
C THR B 114 -0.01 -15.22 9.01
N VAL B 115 -0.67 -15.10 10.17
CA VAL B 115 -0.93 -16.22 11.05
C VAL B 115 -2.32 -16.71 10.73
N SER B 116 -2.39 -17.91 10.14
CA SER B 116 -3.65 -18.50 9.68
C SER B 116 -3.58 -20.01 9.66
N SER B 117 -4.72 -20.67 9.73
CA SER B 117 -4.78 -22.11 9.60
C SER B 117 -5.11 -22.52 8.17
N ALA B 118 -5.45 -21.56 7.31
CA ALA B 118 -5.77 -21.87 5.93
C ALA B 118 -4.54 -22.14 5.06
N SER B 119 -4.76 -22.90 3.99
CA SER B 119 -3.79 -23.10 2.94
C SER B 119 -3.76 -21.86 2.09
N THR B 120 -2.67 -21.70 1.33
CA THR B 120 -2.63 -20.65 0.31
C THR B 120 -3.55 -21.03 -0.84
N LYS B 121 -3.98 -20.01 -1.57
CA LYS B 121 -4.72 -20.18 -2.81
C LYS B 121 -4.13 -19.13 -3.70
N GLY B 122 -3.90 -19.47 -4.97
CA GLY B 122 -3.38 -18.51 -5.93
C GLY B 122 -4.48 -17.79 -6.66
N PRO B 123 -4.20 -16.57 -7.15
CA PRO B 123 -5.26 -15.75 -7.73
C PRO B 123 -5.73 -16.24 -9.10
N SER B 124 -7.00 -15.99 -9.41
CA SER B 124 -7.46 -16.01 -10.78
C SER B 124 -7.17 -14.60 -11.33
N VAL B 125 -6.90 -14.48 -12.63
CA VAL B 125 -6.62 -13.19 -13.26
C VAL B 125 -7.48 -13.05 -14.50
N PHE B 126 -8.22 -11.95 -14.58
CA PHE B 126 -9.14 -11.68 -15.68
C PHE B 126 -8.92 -10.29 -16.24
N PRO B 127 -9.12 -10.10 -17.56
CA PRO B 127 -8.92 -8.78 -18.17
C PRO B 127 -10.06 -7.79 -17.93
N LEU B 128 -9.68 -6.55 -17.69
CA LEU B 128 -10.58 -5.42 -17.72
C LEU B 128 -10.28 -4.72 -19.03
N ALA B 129 -11.11 -5.02 -20.03
CA ALA B 129 -10.86 -4.68 -21.42
C ALA B 129 -11.16 -3.23 -21.80
N PRO B 130 -10.34 -2.63 -22.66
CA PRO B 130 -10.70 -1.30 -23.11
C PRO B 130 -11.81 -1.34 -24.17
N SER B 131 -12.58 -0.26 -24.27
CA SER B 131 -13.61 -0.10 -25.32
C SER B 131 -14.08 1.35 -25.45
N SER B 132 -15.21 1.54 -26.14
CA SER B 132 -15.92 2.83 -26.15
C SER B 132 -16.43 3.22 -24.74
N LYS B 133 -16.76 2.21 -23.92
CA LYS B 133 -17.19 2.39 -22.51
C LYS B 133 -16.06 2.78 -21.56
N SER B 134 -14.81 2.66 -22.06
CA SER B 134 -13.61 3.03 -21.31
C SER B 134 -12.62 3.93 -22.09
N THR B 135 -13.16 4.87 -22.87
CA THR B 135 -12.38 5.91 -23.57
C THR B 135 -12.89 7.29 -23.15
N SER B 136 -11.98 8.16 -22.68
CA SER B 136 -12.29 9.57 -22.46
C SER B 136 -11.27 10.46 -23.17
N GLY B 137 -11.22 10.31 -24.50
CA GLY B 137 -10.56 11.27 -25.38
C GLY B 137 -9.06 11.18 -25.44
N GLY B 138 -8.58 10.33 -26.35
CA GLY B 138 -7.15 10.11 -26.44
C GLY B 138 -6.70 9.09 -25.43
N THR B 139 -7.36 9.00 -24.26
CA THR B 139 -6.97 8.01 -23.25
C THR B 139 -8.01 6.90 -22.97
N ALA B 140 -7.51 5.67 -22.96
CA ALA B 140 -8.27 4.46 -22.66
C ALA B 140 -7.83 3.91 -21.32
N ALA B 141 -8.77 3.49 -20.51
CA ALA B 141 -8.44 2.78 -19.28
C ALA B 141 -8.54 1.27 -19.52
N LEU B 142 -7.58 0.54 -18.98
CA LEU B 142 -7.61 -0.92 -19.04
C LEU B 142 -7.02 -1.45 -17.74
N GLY B 143 -7.06 -2.76 -17.55
CA GLY B 143 -6.60 -3.34 -16.28
C GLY B 143 -6.77 -4.84 -16.10
N CYS B 144 -6.51 -5.30 -14.87
CA CYS B 144 -6.54 -6.71 -14.52
C CYS B 144 -7.23 -6.91 -13.19
N LEU B 145 -8.11 -7.92 -13.13
CA LEU B 145 -8.77 -8.30 -11.88
C LEU B 145 -8.03 -9.51 -11.31
N VAL B 146 -7.50 -9.33 -10.10
CA VAL B 146 -6.73 -10.37 -9.40
C VAL B 146 -7.59 -10.94 -8.26
N LYS B 147 -8.27 -12.04 -8.54
CA LYS B 147 -9.38 -12.48 -7.72
C LYS B 147 -9.09 -13.81 -7.02
N ASP B 148 -9.51 -13.91 -5.75
CA ASP B 148 -9.64 -15.19 -5.05
C ASP B 148 -8.32 -15.79 -4.60
N TYR B 149 -7.53 -14.97 -3.92
CA TYR B 149 -6.21 -15.35 -3.43
C TYR B 149 -6.09 -15.18 -1.91
N PHE B 150 -5.10 -15.84 -1.33
CA PHE B 150 -4.78 -15.76 0.09
C PHE B 150 -3.43 -16.41 0.33
N PRO B 151 -2.58 -15.80 1.17
CA PRO B 151 -2.79 -14.51 1.84
C PRO B 151 -2.22 -13.35 1.04
N GLU B 152 -2.14 -12.20 1.69
CA GLU B 152 -1.50 -11.03 1.13
C GLU B 152 0.01 -11.18 1.23
N PRO B 153 0.76 -10.51 0.33
CA PRO B 153 0.25 -9.70 -0.78
C PRO B 153 0.48 -10.31 -2.17
N VAL B 154 -0.26 -9.81 -3.16
CA VAL B 154 0.13 -9.97 -4.57
C VAL B 154 0.79 -8.69 -5.07
N THR B 155 1.70 -8.81 -6.03
CA THR B 155 2.27 -7.65 -6.73
C THR B 155 1.83 -7.65 -8.20
N VAL B 156 1.53 -6.46 -8.72
CA VAL B 156 1.16 -6.31 -10.14
C VAL B 156 2.06 -5.27 -10.78
N SER B 157 2.62 -5.64 -11.92
CA SER B 157 3.39 -4.73 -12.73
C SER B 157 2.83 -4.81 -14.15
N TRP B 158 3.11 -3.80 -14.96
CA TRP B 158 2.63 -3.77 -16.34
C TRP B 158 3.77 -3.82 -17.33
N ASN B 159 3.64 -4.71 -18.32
CA ASN B 159 4.64 -4.90 -19.37
C ASN B 159 6.04 -5.17 -18.83
N SER B 160 6.07 -5.87 -17.68
CA SER B 160 7.29 -6.31 -17.01
C SER B 160 8.12 -5.14 -16.50
N GLY B 161 7.41 -4.15 -15.96
CA GLY B 161 8.05 -3.03 -15.29
C GLY B 161 8.22 -1.79 -16.14
N ALA B 162 7.87 -1.91 -17.43
CA ALA B 162 8.07 -0.82 -18.42
C ALA B 162 6.95 0.22 -18.47
N LEU B 163 5.75 -0.21 -18.12
CA LEU B 163 4.60 0.68 -18.05
C LEU B 163 4.32 1.02 -16.59
N THR B 164 4.69 2.23 -16.21
CA THR B 164 4.65 2.68 -14.82
C THR B 164 3.71 3.89 -14.63
N SER B 165 3.57 4.71 -15.66
CA SER B 165 2.80 5.95 -15.57
C SER B 165 1.32 5.72 -15.85
N GLY B 166 0.49 6.09 -14.89
CA GLY B 166 -0.96 6.01 -15.02
C GLY B 166 -1.45 4.73 -14.41
N VAL B 167 -0.55 4.02 -13.73
CA VAL B 167 -0.89 2.74 -13.09
C VAL B 167 -1.35 2.95 -11.66
N HIS B 168 -2.54 2.42 -11.36
CA HIS B 168 -3.07 2.35 -10.00
C HIS B 168 -3.37 0.93 -9.62
N THR B 169 -2.79 0.50 -8.51
CA THR B 169 -3.06 -0.83 -7.96
C THR B 169 -3.74 -0.66 -6.60
N PHE B 170 -4.96 -1.15 -6.50
CA PHE B 170 -5.80 -0.80 -5.37
C PHE B 170 -5.57 -1.73 -4.19
N PRO B 171 -5.82 -1.22 -2.96
CA PRO B 171 -5.87 -2.09 -1.79
C PRO B 171 -6.77 -3.30 -2.03
N ALA B 172 -6.34 -4.46 -1.55
CA ALA B 172 -7.18 -5.66 -1.66
C ALA B 172 -8.38 -5.48 -0.81
N VAL B 173 -9.47 -6.12 -1.20
CA VAL B 173 -10.61 -6.28 -0.32
C VAL B 173 -10.87 -7.77 -0.03
N LEU B 174 -11.63 -8.01 1.03
CA LEU B 174 -11.85 -9.32 1.55
C LEU B 174 -13.24 -9.75 1.12
N GLN B 175 -13.35 -10.77 0.29
CA GLN B 175 -14.67 -11.25 -0.13
C GLN B 175 -15.33 -12.08 0.98
N SER B 176 -16.56 -12.55 0.75
CA SER B 176 -17.32 -13.33 1.72
C SER B 176 -16.64 -14.68 1.92
N SER B 177 -15.93 -15.13 0.89
CA SER B 177 -15.22 -16.41 0.89
C SER B 177 -14.01 -16.43 1.82
N GLY B 178 -13.59 -15.26 2.27
CA GLY B 178 -12.37 -15.14 3.05
C GLY B 178 -11.15 -14.96 2.16
N LEU B 179 -11.40 -14.80 0.86
CA LEU B 179 -10.34 -14.63 -0.12
C LEU B 179 -10.21 -13.16 -0.58
N TYR B 180 -8.97 -12.70 -0.71
CA TYR B 180 -8.72 -11.35 -1.17
C TYR B 180 -9.04 -11.17 -2.66
N SER B 181 -9.28 -9.91 -3.02
CA SER B 181 -9.52 -9.55 -4.42
C SER B 181 -9.12 -8.10 -4.66
N LEU B 182 -8.27 -7.88 -5.65
CA LEU B 182 -7.87 -6.51 -6.00
C LEU B 182 -7.84 -6.24 -7.48
N SER B 183 -7.77 -4.96 -7.83
CA SER B 183 -7.76 -4.53 -9.21
C SER B 183 -6.52 -3.71 -9.46
N SER B 184 -5.97 -3.86 -10.65
CA SER B 184 -4.90 -3.01 -11.08
C SER B 184 -5.32 -2.36 -12.39
N VAL B 185 -5.24 -1.04 -12.47
CA VAL B 185 -5.59 -0.32 -13.70
C VAL B 185 -4.46 0.55 -14.23
N VAL B 186 -4.53 0.83 -15.53
CA VAL B 186 -3.63 1.80 -16.17
C VAL B 186 -4.42 2.54 -17.25
N THR B 187 -4.25 3.86 -17.29
CA THR B 187 -4.82 4.68 -18.35
C THR B 187 -3.75 4.98 -19.38
N VAL B 188 -4.19 4.95 -20.62
CA VAL B 188 -3.30 4.74 -21.73
C VAL B 188 -3.80 5.54 -22.93
N PRO B 189 -2.90 6.25 -23.63
CA PRO B 189 -3.29 6.79 -24.93
C PRO B 189 -4.00 5.72 -25.79
N SER B 190 -5.20 6.02 -26.27
CA SER B 190 -5.97 5.07 -27.06
C SER B 190 -5.51 4.96 -28.52
N SER B 191 -4.76 5.95 -29.00
CA SER B 191 -4.04 5.85 -30.28
C SER B 191 -3.30 4.53 -30.45
N SER B 192 -2.89 3.96 -29.32
CA SER B 192 -1.99 2.81 -29.26
C SER B 192 -2.65 1.46 -28.92
N LEU B 193 -3.99 1.43 -28.93
CA LEU B 193 -4.75 0.22 -28.57
C LEU B 193 -4.59 -0.98 -29.52
N GLY B 194 -4.13 -0.71 -30.74
CA GLY B 194 -3.84 -1.77 -31.70
C GLY B 194 -2.36 -2.07 -31.79
N THR B 195 -1.55 -1.01 -31.93
CA THR B 195 -0.11 -1.14 -32.15
C THR B 195 0.72 -1.61 -30.95
N GLN B 196 0.21 -1.41 -29.73
CA GLN B 196 0.97 -1.69 -28.51
C GLN B 196 0.29 -2.76 -27.66
N THR B 197 1.07 -3.77 -27.24
CA THR B 197 0.58 -4.88 -26.40
C THR B 197 0.50 -4.45 -24.92
N TYR B 198 -0.56 -4.86 -24.24
CA TYR B 198 -0.69 -4.58 -22.80
C TYR B 198 -0.80 -5.87 -21.96
N ILE B 199 0.23 -6.12 -21.16
CA ILE B 199 0.33 -7.34 -20.33
C ILE B 199 0.53 -6.99 -18.84
N CYS B 200 -0.30 -7.56 -17.98
CA CYS B 200 -0.14 -7.38 -16.54
C CYS B 200 0.53 -8.61 -15.91
N ASN B 201 1.49 -8.38 -15.00
CA ASN B 201 2.25 -9.46 -14.38
C ASN B 201 1.92 -9.63 -12.89
N VAL B 202 1.13 -10.64 -12.59
CA VAL B 202 0.64 -10.87 -11.23
C VAL B 202 1.52 -11.92 -10.58
N ASN B 203 2.05 -11.57 -9.42
CA ASN B 203 2.96 -12.44 -8.71
C ASN B 203 2.45 -12.67 -7.30
N HIS B 204 2.02 -13.89 -7.03
CA HIS B 204 1.58 -14.26 -5.71
C HIS B 204 2.61 -15.20 -5.13
N LYS B 205 3.51 -14.67 -4.30
CA LYS B 205 4.64 -15.44 -3.77
C LYS B 205 4.25 -16.65 -2.90
N PRO B 206 3.27 -16.49 -1.97
CA PRO B 206 2.99 -17.61 -1.09
C PRO B 206 2.34 -18.81 -1.78
N SER B 207 1.76 -18.61 -2.96
CA SER B 207 1.22 -19.76 -3.70
C SER B 207 2.09 -20.12 -4.92
N ASN B 208 3.18 -19.38 -5.11
CA ASN B 208 4.07 -19.53 -6.28
C ASN B 208 3.34 -19.37 -7.62
N THR B 209 2.31 -18.53 -7.66
CA THR B 209 1.59 -18.23 -8.89
C THR B 209 2.14 -16.97 -9.58
N LYS B 210 2.63 -17.13 -10.81
CA LYS B 210 2.93 -16.02 -11.70
C LYS B 210 1.92 -16.09 -12.83
N VAL B 211 1.24 -14.98 -13.12
CA VAL B 211 0.41 -14.90 -14.33
C VAL B 211 0.70 -13.63 -15.12
N ASP B 212 0.94 -13.79 -16.42
CA ASP B 212 1.14 -12.69 -17.34
C ASP B 212 -0.06 -12.64 -18.30
N LYS B 213 -1.00 -11.73 -18.07
CA LYS B 213 -2.27 -11.71 -18.81
C LYS B 213 -2.38 -10.63 -19.89
N LYS B 214 -2.59 -11.07 -21.15
CA LYS B 214 -2.80 -10.16 -22.28
C LYS B 214 -4.20 -9.54 -22.16
N VAL B 215 -4.24 -8.22 -22.16
CA VAL B 215 -5.51 -7.50 -22.12
C VAL B 215 -5.83 -6.96 -23.51
N GLU B 216 -6.75 -7.65 -24.19
CA GLU B 216 -7.24 -7.24 -25.49
C GLU B 216 -8.61 -6.56 -25.37
N PRO B 217 -9.02 -5.79 -26.41
CA PRO B 217 -10.37 -5.22 -26.41
C PRO B 217 -11.40 -6.35 -26.52
N LYS B 218 -12.49 -6.27 -25.74
CA LYS B 218 -13.40 -7.42 -25.59
C LYS B 218 -14.26 -7.69 -26.82
N SER B 219 -14.76 -8.92 -26.91
CA SER B 219 -15.80 -9.25 -27.88
C SER B 219 -17.01 -8.37 -27.53
N CYS B 220 -17.75 -7.97 -28.55
CA CYS B 220 -18.58 -6.79 -28.47
C CYS B 220 -19.53 -6.81 -29.66
N HIS B 221 -20.83 -6.69 -29.43
CA HIS B 221 -21.75 -6.60 -30.56
C HIS B 221 -22.15 -5.17 -30.95
N HIS B 222 -21.79 -4.81 -32.18
CA HIS B 222 -21.94 -3.45 -32.72
C HIS B 222 -23.37 -3.08 -33.14
N HIS B 223 -23.72 -1.81 -32.95
CA HIS B 223 -24.98 -1.25 -33.46
C HIS B 223 -25.07 -1.41 -34.99
N HIS B 224 -26.29 -1.51 -35.52
CA HIS B 224 -26.50 -2.02 -36.87
C HIS B 224 -26.78 -1.05 -38.02
N HIS B 225 -26.20 0.14 -38.01
CA HIS B 225 -26.23 0.97 -39.23
C HIS B 225 -25.00 1.85 -39.42
#